data_6J6X
#
_entry.id   6J6X
#
_cell.length_a   88.540
_cell.length_b   88.540
_cell.length_c   647.581
_cell.angle_alpha   90.00
_cell.angle_beta   90.00
_cell.angle_gamma   120.00
#
_symmetry.space_group_name_H-M   'P 65 2 2'
#
loop_
_entity.id
_entity.type
_entity.pdbx_description
1 polymer 'Protein prenyltransferase alpha subunit repeat-containing protein 1'
2 polymer 'Geranylgeranyl transferase type-2 subunit beta'
3 non-polymer (4S)-2-METHYL-2,4-PENTANEDIOL
4 non-polymer 'MAGNESIUM ION'
#
loop_
_entity_poly.entity_id
_entity_poly.type
_entity_poly.pdbx_seq_one_letter_code
_entity_poly.pdbx_strand_id
1 'polypeptide(L)'
;MAETSEEVAVLVQRVVKDITNAFRRNPHIDEIGLIPCPEARYNRSPIVLVENKLGVESW(CAS)VKFLLPYVHNKLLLYR
TRKQWLNRDELIDVT(CAS)TLLLLNPDFTTAWNVRKELILSGTLNPIKDLHLGKLALTKFPKSPETWIHRRWVLQQLIQ
ETSLPSFVTKGNLGTIPTERAQRLIQEEMEVCGEAAGRYPSNYNAWSHRIWVLQHLAKLDVKILLDELSSTKHWASMHVS
DHSGFHYRQFLLKSLISQTVIDSSVMEQNPLRSEPALVPPKDEEAAVSTEEPRINLPHLLEEEVEFSTDLIDSYPGHETL
WCHRRHIFYLQHHLNGRFPHSMTQLSPADSPGGTLSDLHLIPAGSQLSQAMEVD
;
A
2 'polypeptide(L)'
;GPLGSMGTPQKDVIIKSDAPDTLLLEKHADYIASYGSKKDDYEYCMSEYLRMSGIYWGLTVMDLMGQLHRMNREEILAFI
KSCQHECGGISASIGHDPHLLYTLSAVQILTLYDSINVIDVNKVVEYVKGLQKEDGSFAGDIWGEIDTRFSFCAVATLAL
LGKLDAINVEKAIEFVLSCMNFDGGFGCRPGSESHAGQIYCCTGFLAITSQLHQVNSDLLGWWLCERQLPSGGLNGRPEK
LPDVCYSWWVLASLKIIGRLHWIDREKLRNFILACQDEETGGFADRPGDMVDPFHTLFGIAGLSLLGEEQIKPVNPVFCM
PEEVLQRVNVQPELVS
;
B
#
loop_
_chem_comp.id
_chem_comp.type
_chem_comp.name
_chem_comp.formula
MG non-polymer 'MAGNESIUM ION' 'Mg 2'
MPD non-polymer (4S)-2-METHYL-2,4-PENTANEDIOL 'C6 H14 O2'
#
# COMPACT_ATOMS: atom_id res chain seq x y z
N ALA A 2 26.36 29.39 5.57
CA ALA A 2 26.66 30.58 6.36
C ALA A 2 25.40 31.13 7.03
N GLU A 3 25.04 32.35 6.68
CA GLU A 3 23.85 32.99 7.26
C GLU A 3 22.56 32.46 6.64
N THR A 4 22.64 32.07 5.37
CA THR A 4 21.49 31.55 4.64
C THR A 4 20.97 30.28 5.28
N SER A 5 21.88 29.41 5.69
CA SER A 5 21.51 28.16 6.36
C SER A 5 20.95 28.44 7.75
N GLU A 6 21.26 29.61 8.29
CA GLU A 6 20.74 30.03 9.58
C GLU A 6 19.43 30.78 9.43
N GLU A 7 19.26 31.45 8.29
CA GLU A 7 18.03 32.17 7.98
C GLU A 7 16.87 31.20 7.77
N VAL A 8 17.13 30.12 7.03
CA VAL A 8 16.11 29.12 6.77
C VAL A 8 15.75 28.35 8.04
N ALA A 9 16.69 28.28 8.98
CA ALA A 9 16.45 27.62 10.25
C ALA A 9 15.46 28.41 11.08
N VAL A 10 15.50 29.73 10.93
CA VAL A 10 14.56 30.62 11.61
C VAL A 10 13.22 30.62 10.91
N LEU A 11 13.25 30.59 9.58
CA LEU A 11 12.04 30.60 8.77
C LEU A 11 11.20 29.34 8.98
N VAL A 12 11.87 28.19 9.01
CA VAL A 12 11.19 26.91 9.23
C VAL A 12 10.62 26.83 10.64
N GLN A 13 11.41 27.27 11.62
CA GLN A 13 10.97 27.31 13.01
C GLN A 13 9.75 28.23 13.16
N ARG A 14 9.70 29.26 12.31
CA ARG A 14 8.60 30.23 12.37
C ARG A 14 7.31 29.68 11.78
N VAL A 15 7.41 29.00 10.64
CA VAL A 15 6.22 28.56 9.93
C VAL A 15 5.56 27.33 10.56
N VAL A 16 6.33 26.55 11.31
CA VAL A 16 5.76 25.38 11.98
C VAL A 16 4.97 25.80 13.21
N LYS A 17 5.29 26.97 13.74
CA LYS A 17 4.56 27.54 14.86
C LYS A 17 3.34 28.30 14.36
N ASP A 18 3.37 28.67 13.08
CA ASP A 18 2.22 29.29 12.44
C ASP A 18 1.09 28.27 12.27
N ILE A 19 1.47 27.01 12.17
CA ILE A 19 0.50 25.92 12.07
C ILE A 19 0.09 25.47 13.47
N THR A 20 1.05 25.46 14.39
CA THR A 20 0.78 25.08 15.77
C THR A 20 -0.21 26.05 16.41
N ASN A 21 0.00 27.35 16.17
CA ASN A 21 -0.89 28.38 16.69
C ASN A 21 -2.18 28.48 15.88
N ALA A 22 -2.21 27.80 14.74
CA ALA A 22 -3.41 27.75 13.93
C ALA A 22 -4.41 26.76 14.52
N PHE A 23 -3.89 25.66 15.05
CA PHE A 23 -4.73 24.66 15.72
C PHE A 23 -5.19 25.17 17.09
N ARG A 24 -4.44 26.12 17.65
CA ARG A 24 -4.76 26.67 18.95
C ARG A 24 -5.87 27.72 18.84
N ARG A 25 -5.84 28.50 17.77
CA ARG A 25 -6.89 29.48 17.51
C ARG A 25 -8.18 28.79 17.07
N ASN A 26 -8.05 27.59 16.55
CA ASN A 26 -9.20 26.82 16.08
C ASN A 26 -8.95 25.32 16.18
N PRO A 27 -9.41 24.70 17.28
CA PRO A 27 -9.31 23.25 17.47
C PRO A 27 -10.07 22.48 16.39
N HIS A 28 -11.24 22.97 16.03
CA HIS A 28 -12.06 22.33 15.00
C HIS A 28 -11.54 22.65 13.60
N ILE A 29 -10.77 21.72 13.04
CA ILE A 29 -10.26 21.88 11.68
C ILE A 29 -10.72 20.71 10.81
N ASP A 30 -11.63 21.00 9.89
CA ASP A 30 -12.25 19.97 9.07
C ASP A 30 -11.26 19.28 8.14
N GLU A 31 -10.52 20.07 7.37
CA GLU A 31 -9.63 19.50 6.36
C GLU A 31 -8.31 20.26 6.23
N ILE A 32 -7.41 19.72 5.42
CA ILE A 32 -6.14 20.37 5.14
C ILE A 32 -5.92 20.47 3.63
N GLY A 33 -5.67 21.67 3.15
CA GLY A 33 -5.50 21.90 1.72
C GLY A 33 -4.16 22.53 1.37
N LEU A 34 -3.92 22.69 0.07
CA LEU A 34 -2.68 23.29 -0.41
C LEU A 34 -2.99 24.28 -1.52
N ILE A 35 -3.01 25.57 -1.18
CA ILE A 35 -3.30 26.62 -2.15
C ILE A 35 -2.11 26.90 -3.06
N PRO A 36 -2.37 27.06 -4.36
CA PRO A 36 -1.32 27.34 -5.35
C PRO A 36 -0.76 28.76 -5.23
N CYS A 37 0.53 28.87 -4.98
CA CYS A 37 1.19 30.16 -4.89
C CYS A 37 2.68 30.02 -5.20
N PRO A 38 3.05 30.27 -6.47
CA PRO A 38 4.42 30.11 -7.00
C PRO A 38 5.49 30.80 -6.17
N GLU A 39 5.33 32.10 -5.92
CA GLU A 39 6.32 32.85 -5.17
C GLU A 39 5.72 33.48 -3.92
N ALA A 40 6.56 33.69 -2.91
CA ALA A 40 6.11 34.18 -1.60
C ALA A 40 5.77 35.67 -1.61
N ARG A 41 4.85 36.05 -0.74
CA ARG A 41 4.52 37.45 -0.53
C ARG A 41 5.23 37.94 0.73
N TYR A 42 5.79 39.15 0.66
CA TYR A 42 6.70 39.66 1.69
C TYR A 42 6.17 39.55 3.12
N ASN A 43 5.06 40.24 3.39
CA ASN A 43 4.54 40.29 4.76
C ASN A 43 3.44 39.25 5.00
N ARG A 44 3.42 38.21 4.17
CA ARG A 44 2.38 37.18 4.26
C ARG A 44 2.94 35.81 4.60
N SER A 45 2.36 35.18 5.62
CA SER A 45 2.72 33.82 6.00
C SER A 45 2.08 32.81 5.06
N PRO A 46 2.80 31.74 4.72
CA PRO A 46 2.28 30.72 3.80
C PRO A 46 1.11 29.92 4.38
N ILE A 47 0.86 30.09 5.67
CA ILE A 47 -0.24 29.41 6.33
C ILE A 47 -1.50 30.26 6.32
N VAL A 48 -2.45 29.90 5.47
CA VAL A 48 -3.71 30.63 5.35
C VAL A 48 -4.85 29.86 6.01
N LEU A 49 -5.61 30.54 6.86
CA LEU A 49 -6.65 29.87 7.64
C LEU A 49 -8.03 30.50 7.45
N VAL A 50 -8.96 29.72 6.90
CA VAL A 50 -10.36 30.14 6.87
C VAL A 50 -11.05 29.62 8.13
N GLU A 51 -12.38 29.69 8.17
CA GLU A 51 -13.13 29.34 9.38
C GLU A 51 -12.82 27.96 9.95
N ASN A 52 -12.70 26.95 9.10
CA ASN A 52 -12.43 25.59 9.58
C ASN A 52 -11.40 24.84 8.74
N LYS A 53 -10.82 25.52 7.76
CA LYS A 53 -9.81 24.89 6.90
C LYS A 53 -8.55 25.74 6.82
N LEU A 54 -7.40 25.11 6.96
CA LEU A 54 -6.14 25.81 6.78
C LEU A 54 -5.41 25.27 5.56
N GLY A 55 -4.81 26.17 4.79
CA GLY A 55 -4.07 25.78 3.60
C GLY A 55 -2.63 26.26 3.66
N VAL A 56 -1.79 25.68 2.81
CA VAL A 56 -0.38 26.07 2.74
C VAL A 56 -0.01 26.45 1.31
N GLU A 57 0.60 27.62 1.15
CA GLU A 57 1.03 28.08 -0.16
C GLU A 57 2.06 27.12 -0.74
N SER A 58 1.98 26.88 -2.05
CA SER A 58 2.78 25.85 -2.70
C SER A 58 4.28 26.11 -2.65
N TRP A 59 4.67 27.38 -2.51
CA TRP A 59 6.08 27.73 -2.48
C TRP A 59 6.77 27.23 -1.21
N CAS A 60 6.01 27.18 -0.12
CA CAS A 60 6.52 26.80 1.14
CB CAS A 60 5.43 26.92 2.19
C CAS A 60 7.02 25.37 1.10
O CAS A 60 8.12 25.06 1.64
SG CAS A 60 6.03 26.31 3.75
AS CAS A 60 5.34 24.18 4.09
CE1 CAS A 60 4.37 24.07 5.76
CE2 CAS A 60 6.86 23.00 4.15
N VAL A 61 6.24 24.50 0.48
CA VAL A 61 6.56 23.08 0.43
C VAL A 61 7.74 22.82 -0.49
N LYS A 62 7.93 23.68 -1.48
CA LYS A 62 9.03 23.54 -2.42
C LYS A 62 10.38 23.80 -1.76
N PHE A 63 10.38 24.59 -0.70
CA PHE A 63 11.62 25.01 -0.05
C PHE A 63 11.83 24.39 1.33
N LEU A 64 10.76 24.31 2.12
CA LEU A 64 10.90 23.96 3.53
C LEU A 64 10.64 22.49 3.83
N LEU A 65 9.90 21.81 2.94
CA LEU A 65 9.64 20.38 3.12
C LEU A 65 10.94 19.56 3.14
N PRO A 66 11.87 19.79 2.19
CA PRO A 66 13.09 18.99 2.28
C PRO A 66 13.97 19.35 3.47
N TYR A 67 13.72 20.51 4.09
CA TYR A 67 14.45 20.90 5.28
C TYR A 67 14.00 20.07 6.48
N VAL A 68 12.68 20.00 6.67
CA VAL A 68 12.09 19.20 7.74
C VAL A 68 12.38 17.73 7.51
N HIS A 69 12.30 17.32 6.25
CA HIS A 69 12.59 15.95 5.85
C HIS A 69 14.00 15.54 6.22
N ASN A 70 14.97 16.39 5.86
CA ASN A 70 16.38 16.11 6.13
C ASN A 70 16.69 16.15 7.62
N LYS A 71 15.98 17.00 8.36
CA LYS A 71 16.23 17.17 9.78
C LYS A 71 15.81 15.94 10.57
N LEU A 72 14.76 15.27 10.10
CA LEU A 72 14.28 14.05 10.75
C LEU A 72 15.26 12.90 10.49
N LEU A 73 15.85 12.89 9.30
CA LEU A 73 16.82 11.87 8.94
C LEU A 73 18.11 12.04 9.73
N LEU A 74 18.41 13.28 10.11
CA LEU A 74 19.57 13.57 10.94
C LEU A 74 19.38 13.02 12.35
N TYR A 75 18.12 13.01 12.79
CA TYR A 75 17.79 12.42 14.08
C TYR A 75 17.92 10.91 14.05
N ARG A 76 17.47 10.31 12.96
CA ARG A 76 17.49 8.85 12.81
C ARG A 76 18.92 8.32 12.64
N THR A 77 19.81 9.16 12.15
CA THR A 77 21.21 8.76 11.95
C THR A 77 22.06 9.21 13.13
N ARG A 78 21.43 9.80 14.13
CA ARG A 78 22.10 10.27 15.34
C ARG A 78 23.22 11.26 15.02
N LYS A 79 22.93 12.23 14.16
CA LYS A 79 23.88 13.28 13.82
C LYS A 79 23.39 14.62 14.34
N GLN A 80 22.08 14.69 14.58
CA GLN A 80 21.46 15.90 15.13
C GLN A 80 20.23 15.53 15.94
N TRP A 81 20.35 15.60 17.26
CA TRP A 81 19.25 15.25 18.15
C TRP A 81 18.14 16.30 18.11
N LEU A 82 16.92 15.87 18.37
CA LEU A 82 15.78 16.78 18.41
C LEU A 82 15.03 16.67 19.73
N ASN A 83 14.48 17.79 20.20
CA ASN A 83 13.72 17.81 21.43
C ASN A 83 12.41 17.04 21.32
N ARG A 84 11.69 16.94 22.43
CA ARG A 84 10.39 16.30 22.45
C ARG A 84 9.40 17.06 21.57
N ASP A 85 9.28 18.35 21.82
CA ASP A 85 8.34 19.19 21.07
C ASP A 85 8.78 19.35 19.62
N GLU A 86 10.08 19.24 19.38
CA GLU A 86 10.61 19.33 18.02
C GLU A 86 10.22 18.10 17.21
N LEU A 87 10.29 16.92 17.84
CA LEU A 87 9.94 15.68 17.17
C LEU A 87 8.45 15.61 16.84
N ILE A 88 7.62 16.11 17.74
CA ILE A 88 6.17 16.08 17.53
C ILE A 88 5.73 17.18 16.57
N ASP A 89 6.66 18.08 16.25
CA ASP A 89 6.37 19.16 15.29
C ASP A 89 6.81 18.77 13.89
N VAL A 90 7.99 18.17 13.77
CA VAL A 90 8.52 17.80 12.47
C VAL A 90 7.75 16.65 11.83
N THR A 91 7.32 15.70 12.65
CA THR A 91 6.54 14.57 12.16
C THR A 91 5.14 15.01 11.79
N CAS A 92 4.61 15.97 12.54
CA CAS A 92 3.30 16.47 12.30
CB CAS A 92 2.94 17.41 13.42
C CAS A 92 3.25 17.19 10.98
O CAS A 92 2.27 17.02 10.21
SG CAS A 92 1.50 18.35 13.01
AS CAS A 92 1.56 20.26 14.24
CE1 CAS A 92 0.14 21.43 13.67
CE2 CAS A 92 3.26 21.14 13.95
N THR A 93 4.28 17.97 10.68
CA THR A 93 4.33 18.71 9.43
C THR A 93 4.61 17.80 8.23
N LEU A 94 5.47 16.81 8.43
CA LEU A 94 5.82 15.87 7.36
C LEU A 94 4.64 14.99 6.97
N LEU A 95 3.84 14.61 7.96
CA LEU A 95 2.71 13.71 7.73
C LEU A 95 1.46 14.45 7.29
N LEU A 96 1.43 15.76 7.51
CA LEU A 96 0.32 16.58 7.03
C LEU A 96 0.45 16.84 5.53
N LEU A 97 1.62 16.52 5.00
CA LEU A 97 1.90 16.72 3.58
C LEU A 97 2.23 15.39 2.90
N ASN A 98 2.89 14.50 3.64
CA ASN A 98 3.26 13.19 3.11
C ASN A 98 2.94 12.08 4.09
N PRO A 99 1.66 11.68 4.16
CA PRO A 99 1.18 10.67 5.12
C PRO A 99 1.81 9.30 4.94
N ASP A 100 2.39 9.04 3.76
CA ASP A 100 2.98 7.73 3.48
C ASP A 100 4.44 7.67 3.90
N PHE A 101 4.91 8.70 4.59
CA PHE A 101 6.26 8.70 5.16
C PHE A 101 6.29 7.77 6.38
N THR A 102 6.60 6.50 6.14
CA THR A 102 6.55 5.47 7.16
C THR A 102 7.40 5.78 8.39
N THR A 103 8.64 6.21 8.15
CA THR A 103 9.59 6.51 9.23
C THR A 103 9.04 7.59 10.15
N ALA A 104 8.39 8.60 9.58
CA ALA A 104 7.79 9.67 10.37
C ALA A 104 6.72 9.14 11.32
N TRP A 105 5.94 8.17 10.86
CA TRP A 105 4.94 7.52 11.70
C TRP A 105 5.60 6.74 12.82
N ASN A 106 6.66 6.02 12.48
CA ASN A 106 7.39 5.20 13.45
C ASN A 106 7.97 6.04 14.59
N VAL A 107 8.34 7.28 14.27
CA VAL A 107 8.86 8.20 15.27
C VAL A 107 7.80 8.50 16.33
N ARG A 108 6.58 8.76 15.88
CA ARG A 108 5.47 9.05 16.78
C ARG A 108 5.12 7.83 17.63
N LYS A 109 5.31 6.64 17.06
CA LYS A 109 5.11 5.39 17.79
C LYS A 109 6.06 5.31 18.98
N GLU A 110 7.31 5.68 18.75
CA GLU A 110 8.34 5.67 19.79
C GLU A 110 8.04 6.71 20.86
N LEU A 111 7.35 7.77 20.47
CA LEU A 111 7.01 8.85 21.40
C LEU A 111 5.75 8.52 22.19
N ILE A 112 4.80 7.88 21.53
CA ILE A 112 3.52 7.54 22.15
C ILE A 112 3.69 6.67 23.38
N LEU A 113 4.48 5.61 23.27
CA LEU A 113 4.63 4.68 24.38
C LEU A 113 5.85 5.03 25.25
N SER A 114 6.42 6.20 25.01
CA SER A 114 7.45 6.73 25.90
C SER A 114 6.85 7.81 26.79
N GLY A 115 5.53 7.97 26.71
CA GLY A 115 4.82 8.96 27.50
C GLY A 115 5.03 10.36 26.96
N THR A 116 5.73 10.44 25.83
CA THR A 116 6.05 11.70 25.20
C THR A 116 4.87 12.27 24.43
N LEU A 117 4.21 11.42 23.66
CA LEU A 117 3.11 11.84 22.80
C LEU A 117 1.78 11.19 23.21
N ASN A 118 0.72 11.98 23.16
CA ASN A 118 -0.63 11.46 23.43
C ASN A 118 -1.16 10.71 22.22
N PRO A 119 -1.53 9.43 22.42
CA PRO A 119 -2.06 8.56 21.36
C PRO A 119 -3.30 9.16 20.68
N ILE A 120 -4.09 9.90 21.43
CA ILE A 120 -5.31 10.52 20.91
C ILE A 120 -4.98 11.52 19.80
N LYS A 121 -3.84 12.19 19.93
CA LYS A 121 -3.40 13.17 18.95
C LYS A 121 -3.18 12.52 17.58
N ASP A 122 -2.61 11.32 17.57
CA ASP A 122 -2.37 10.60 16.33
C ASP A 122 -3.67 10.15 15.67
N LEU A 123 -4.70 9.93 16.49
CA LEU A 123 -6.02 9.63 15.97
C LEU A 123 -6.60 10.87 15.31
N HIS A 124 -6.31 12.04 15.89
CA HIS A 124 -6.74 13.30 15.32
C HIS A 124 -5.88 13.66 14.10
N LEU A 125 -4.59 13.43 14.21
CA LEU A 125 -3.66 13.70 13.13
C LEU A 125 -3.97 12.84 11.91
N GLY A 126 -4.11 11.55 12.14
CA GLY A 126 -4.42 10.61 11.08
C GLY A 126 -5.78 10.87 10.45
N LYS A 127 -6.71 11.38 11.27
CA LYS A 127 -8.05 11.70 10.79
C LYS A 127 -8.01 12.82 9.76
N LEU A 128 -7.12 13.78 9.99
CA LEU A 128 -6.94 14.90 9.07
C LEU A 128 -6.32 14.44 7.75
N ALA A 129 -5.38 13.51 7.84
CA ALA A 129 -4.69 13.00 6.66
C ALA A 129 -5.63 12.20 5.76
N LEU A 130 -6.66 11.61 6.36
CA LEU A 130 -7.62 10.81 5.62
C LEU A 130 -8.63 11.69 4.90
N THR A 131 -8.73 12.95 5.33
CA THR A 131 -9.61 13.91 4.68
C THR A 131 -8.98 14.43 3.40
N LYS A 132 -7.70 14.16 3.23
CA LYS A 132 -6.97 14.56 2.03
C LYS A 132 -6.47 13.34 1.26
N PHE A 133 -6.00 12.34 2.01
CA PHE A 133 -5.53 11.09 1.42
C PHE A 133 -6.26 9.90 2.04
N PRO A 134 -7.48 9.61 1.56
CA PRO A 134 -8.30 8.54 2.12
C PRO A 134 -7.80 7.14 1.76
N LYS A 135 -6.85 7.07 0.82
CA LYS A 135 -6.31 5.78 0.39
C LYS A 135 -5.00 5.44 1.08
N SER A 136 -4.35 6.46 1.65
CA SER A 136 -3.01 6.33 2.22
C SER A 136 -2.86 5.14 3.17
N PRO A 137 -2.14 4.10 2.74
CA PRO A 137 -1.95 2.86 3.48
C PRO A 137 -1.33 3.08 4.86
N GLU A 138 -0.23 3.82 4.91
CA GLU A 138 0.51 4.04 6.14
C GLU A 138 -0.32 4.72 7.23
N THR A 139 -1.22 5.61 6.80
CA THR A 139 -2.11 6.28 7.74
C THR A 139 -3.01 5.28 8.44
N TRP A 140 -3.55 4.34 7.66
CA TRP A 140 -4.38 3.28 8.21
C TRP A 140 -3.55 2.31 9.04
N ILE A 141 -2.39 1.93 8.52
CA ILE A 141 -1.48 1.01 9.20
C ILE A 141 -1.08 1.53 10.57
N HIS A 142 -0.70 2.80 10.64
CA HIS A 142 -0.31 3.42 11.89
C HIS A 142 -1.47 3.51 12.87
N ARG A 143 -2.66 3.79 12.35
CA ARG A 143 -3.85 3.92 13.18
C ARG A 143 -4.16 2.61 13.89
N ARG A 144 -3.98 1.49 13.20
CA ARG A 144 -4.20 0.18 13.80
C ARG A 144 -3.25 -0.07 14.95
N TRP A 145 -2.00 0.37 14.79
CA TRP A 145 -1.01 0.26 15.85
C TRP A 145 -1.42 1.06 17.08
N VAL A 146 -1.91 2.28 16.84
CA VAL A 146 -2.35 3.16 17.91
C VAL A 146 -3.53 2.55 18.66
N LEU A 147 -4.49 2.00 17.91
CA LEU A 147 -5.67 1.41 18.49
C LEU A 147 -5.35 0.19 19.36
N GLN A 148 -4.25 -0.49 19.02
CA GLN A 148 -3.82 -1.64 19.79
C GLN A 148 -3.15 -1.22 21.10
N GLN A 149 -2.76 0.05 21.19
CA GLN A 149 -2.12 0.57 22.38
C GLN A 149 -3.15 1.14 23.35
N LEU A 150 -4.33 1.45 22.84
CA LEU A 150 -5.39 2.05 23.65
C LEU A 150 -6.19 1.00 24.40
N ILE A 151 -6.39 -0.15 23.78
CA ILE A 151 -7.14 -1.23 24.40
C ILE A 151 -6.24 -2.15 25.21
N GLN A 152 -4.94 -2.07 24.95
CA GLN A 152 -3.96 -2.88 25.65
C GLN A 152 -2.71 -2.07 26.01
N PRO A 169 -16.78 -5.43 26.29
CA PRO A 169 -16.06 -4.22 25.85
C PRO A 169 -16.28 -3.04 26.79
N THR A 170 -15.20 -2.33 27.11
CA THR A 170 -15.27 -1.17 27.99
C THR A 170 -16.03 -0.03 27.32
N GLU A 171 -16.51 0.92 28.11
CA GLU A 171 -17.21 2.08 27.57
C GLU A 171 -16.30 2.88 26.62
N ARG A 172 -15.07 3.14 27.05
CA ARG A 172 -14.10 3.83 26.22
C ARG A 172 -13.79 3.03 24.96
N ALA A 173 -13.82 1.70 25.09
CA ALA A 173 -13.58 0.82 23.95
C ALA A 173 -14.71 0.93 22.93
N GLN A 174 -15.94 1.02 23.42
CA GLN A 174 -17.11 1.12 22.54
C GLN A 174 -17.21 2.50 21.92
N ARG A 175 -16.77 3.52 22.64
CA ARG A 175 -16.70 4.88 22.10
C ARG A 175 -15.66 4.93 20.99
N LEU A 176 -14.54 4.26 21.22
CA LEU A 176 -13.41 4.25 20.28
C LEU A 176 -13.80 3.62 18.95
N ILE A 177 -14.54 2.50 19.02
CA ILE A 177 -14.96 1.80 17.82
C ILE A 177 -15.91 2.64 16.98
N GLN A 178 -16.83 3.33 17.64
CA GLN A 178 -17.78 4.21 16.96
C GLN A 178 -17.06 5.33 16.21
N GLU A 179 -15.97 5.82 16.79
CA GLU A 179 -15.17 6.85 16.15
C GLU A 179 -14.51 6.30 14.89
N GLU A 180 -14.07 5.04 14.95
CA GLU A 180 -13.45 4.40 13.80
C GLU A 180 -14.47 4.11 12.72
N MET A 181 -15.73 3.93 13.11
CA MET A 181 -16.80 3.66 12.15
C MET A 181 -17.15 4.90 11.35
N GLU A 182 -17.04 6.06 11.98
CA GLU A 182 -17.36 7.32 11.32
C GLU A 182 -16.27 7.74 10.35
N VAL A 183 -15.01 7.40 10.67
CA VAL A 183 -13.89 7.75 9.80
C VAL A 183 -13.72 6.70 8.71
N CYS A 184 -14.43 5.58 8.83
CA CYS A 184 -14.44 4.56 7.79
C CYS A 184 -15.60 4.81 6.82
N GLY A 185 -16.57 5.60 7.28
CA GLY A 185 -17.70 5.97 6.45
C GLY A 185 -17.38 7.16 5.57
N GLU A 186 -16.60 8.09 6.12
CA GLU A 186 -16.18 9.27 5.37
C GLU A 186 -15.12 8.92 4.35
N ALA A 187 -14.21 8.03 4.73
CA ALA A 187 -13.13 7.60 3.85
C ALA A 187 -13.66 6.74 2.71
N ALA A 188 -14.86 6.18 2.89
CA ALA A 188 -15.50 5.39 1.86
C ALA A 188 -16.34 6.27 0.94
N GLY A 189 -16.61 7.49 1.40
CA GLY A 189 -17.40 8.44 0.63
C GLY A 189 -16.54 9.30 -0.28
N ARG A 190 -15.30 9.52 0.12
CA ARG A 190 -14.38 10.33 -0.67
C ARG A 190 -13.87 9.56 -1.87
N TYR A 191 -13.99 8.24 -1.82
CA TYR A 191 -13.61 7.39 -2.94
C TYR A 191 -14.36 6.06 -2.89
N PRO A 192 -14.96 5.67 -4.02
CA PRO A 192 -15.72 4.41 -4.12
C PRO A 192 -14.83 3.18 -4.03
N SER A 193 -15.28 2.17 -3.29
CA SER A 193 -14.55 0.92 -3.11
C SER A 193 -13.15 1.15 -2.53
N ASN A 194 -13.08 1.96 -1.48
CA ASN A 194 -11.81 2.20 -0.80
C ASN A 194 -11.39 0.96 0.00
N TYR A 195 -10.55 0.13 -0.61
CA TYR A 195 -10.14 -1.14 -0.02
C TYR A 195 -9.52 -0.98 1.37
N ASN A 196 -8.58 -0.04 1.49
CA ASN A 196 -7.89 0.18 2.75
C ASN A 196 -8.80 0.73 3.85
N ALA A 197 -9.84 1.45 3.45
CA ALA A 197 -10.77 2.03 4.41
C ALA A 197 -11.76 1.01 4.93
N TRP A 198 -12.06 0.01 4.11
CA TRP A 198 -12.98 -1.06 4.50
C TRP A 198 -12.25 -2.17 5.23
N SER A 199 -11.05 -2.50 4.77
CA SER A 199 -10.24 -3.53 5.39
C SER A 199 -9.84 -3.13 6.81
N HIS A 200 -9.76 -1.83 7.04
CA HIS A 200 -9.49 -1.30 8.38
C HIS A 200 -10.72 -1.42 9.26
N ARG A 201 -11.89 -1.19 8.66
CA ARG A 201 -13.16 -1.29 9.38
C ARG A 201 -13.40 -2.73 9.82
N ILE A 202 -13.01 -3.67 8.97
CA ILE A 202 -13.10 -5.09 9.29
C ILE A 202 -12.12 -5.44 10.42
N TRP A 203 -10.92 -4.89 10.35
CA TRP A 203 -9.89 -5.14 11.34
C TRP A 203 -10.32 -4.67 12.73
N VAL A 204 -11.05 -3.56 12.77
CA VAL A 204 -11.55 -3.01 14.03
C VAL A 204 -12.50 -3.98 14.72
N LEU A 205 -13.42 -4.55 13.94
CA LEU A 205 -14.41 -5.48 14.47
C LEU A 205 -13.76 -6.77 14.98
N GLN A 206 -12.66 -7.17 14.37
CA GLN A 206 -12.01 -8.42 14.72
C GLN A 206 -11.13 -8.31 15.96
N HIS A 207 -10.56 -7.13 16.18
CA HIS A 207 -9.57 -6.96 17.24
C HIS A 207 -10.04 -6.07 18.39
N LEU A 208 -10.81 -5.03 18.06
CA LEU A 208 -11.29 -4.09 19.09
C LEU A 208 -12.69 -4.45 19.57
N ALA A 209 -13.45 -5.17 18.73
CA ALA A 209 -14.80 -5.57 19.09
C ALA A 209 -14.87 -7.06 19.35
N LYS A 210 -13.91 -7.80 18.78
CA LYS A 210 -13.87 -9.26 18.86
C LYS A 210 -15.20 -9.88 18.43
N LEU A 211 -15.77 -9.33 17.35
CA LEU A 211 -17.01 -9.81 16.76
C LEU A 211 -18.17 -9.81 17.76
N ASP A 212 -18.30 -8.73 18.53
CA ASP A 212 -19.41 -8.61 19.46
C ASP A 212 -20.72 -8.46 18.69
N VAL A 213 -21.64 -9.39 18.91
CA VAL A 213 -22.87 -9.48 18.13
C VAL A 213 -23.73 -8.22 18.21
N LYS A 214 -23.61 -7.47 19.30
CA LYS A 214 -24.39 -6.26 19.49
C LYS A 214 -23.99 -5.19 18.48
N ILE A 215 -22.67 -5.02 18.29
CA ILE A 215 -22.14 -4.04 17.35
C ILE A 215 -22.44 -4.48 15.91
N LEU A 216 -22.27 -5.78 15.66
CA LEU A 216 -22.48 -6.34 14.32
C LEU A 216 -23.90 -6.10 13.80
N LEU A 217 -24.88 -6.19 14.69
CA LEU A 217 -26.27 -5.94 14.31
C LEU A 217 -26.51 -4.47 14.01
N ASP A 218 -25.86 -3.60 14.78
CA ASP A 218 -25.99 -2.17 14.59
C ASP A 218 -25.32 -1.70 13.30
N GLU A 219 -24.29 -2.45 12.88
CA GLU A 219 -23.58 -2.13 11.65
C GLU A 219 -24.41 -2.51 10.42
N LEU A 220 -25.14 -3.62 10.53
CA LEU A 220 -26.04 -4.03 9.45
C LEU A 220 -27.16 -3.02 9.25
N SER A 221 -27.63 -2.45 10.36
CA SER A 221 -28.73 -1.51 10.33
C SER A 221 -28.28 -0.12 9.87
N SER A 222 -27.02 0.19 10.09
CA SER A 222 -26.49 1.52 9.78
C SER A 222 -25.96 1.60 8.36
N THR A 223 -25.69 0.46 7.74
CA THR A 223 -25.14 0.42 6.39
C THR A 223 -26.21 0.12 5.34
N LYS A 224 -27.47 0.10 5.76
CA LYS A 224 -28.58 -0.13 4.84
C LYS A 224 -28.72 1.02 3.86
N HIS A 225 -28.75 2.24 4.39
CA HIS A 225 -28.93 3.44 3.57
C HIS A 225 -27.75 3.65 2.63
N TRP A 226 -26.55 3.35 3.12
CA TRP A 226 -25.34 3.49 2.33
C TRP A 226 -25.34 2.53 1.14
N ALA A 227 -25.70 1.27 1.40
CA ALA A 227 -25.73 0.25 0.36
C ALA A 227 -26.72 0.60 -0.74
N SER A 228 -27.82 1.24 -0.36
CA SER A 228 -28.83 1.67 -1.31
C SER A 228 -28.27 2.71 -2.27
N MET A 229 -27.55 3.68 -1.71
CA MET A 229 -26.98 4.76 -2.50
C MET A 229 -25.73 4.31 -3.25
N HIS A 230 -24.86 3.59 -2.56
CA HIS A 230 -23.58 3.19 -3.13
C HIS A 230 -23.62 1.78 -3.72
N VAL A 231 -24.34 1.63 -4.83
CA VAL A 231 -24.34 0.39 -5.57
C VAL A 231 -23.02 0.29 -6.35
N SER A 232 -22.71 -0.89 -6.87
CA SER A 232 -21.46 -1.14 -7.58
C SER A 232 -20.25 -0.88 -6.70
N ASP A 233 -20.45 -0.98 -5.39
CA ASP A 233 -19.37 -0.84 -4.42
C ASP A 233 -19.10 -2.20 -3.78
N HIS A 234 -18.35 -3.03 -4.49
CA HIS A 234 -18.09 -4.40 -4.06
C HIS A 234 -17.33 -4.46 -2.75
N SER A 235 -16.63 -3.39 -2.41
CA SER A 235 -15.89 -3.32 -1.15
C SER A 235 -16.84 -3.10 0.02
N GLY A 236 -17.84 -2.25 -0.17
CA GLY A 236 -18.82 -1.98 0.87
C GLY A 236 -19.73 -3.17 1.12
N PHE A 237 -20.03 -3.92 0.07
CA PHE A 237 -20.91 -5.08 0.20
C PHE A 237 -20.16 -6.28 0.79
N HIS A 238 -18.84 -6.28 0.69
CA HIS A 238 -18.04 -7.32 1.33
C HIS A 238 -18.13 -7.15 2.85
N TYR A 239 -18.22 -5.90 3.28
CA TYR A 239 -18.41 -5.59 4.69
C TYR A 239 -19.73 -6.16 5.18
N ARG A 240 -20.75 -6.08 4.33
CA ARG A 240 -22.05 -6.67 4.61
C ARG A 240 -21.93 -8.19 4.75
N GLN A 241 -21.20 -8.79 3.83
CA GLN A 241 -20.99 -10.23 3.86
C GLN A 241 -20.17 -10.65 5.07
N PHE A 242 -19.25 -9.79 5.49
CA PHE A 242 -18.41 -10.07 6.64
C PHE A 242 -19.22 -10.03 7.94
N LEU A 243 -20.17 -9.11 8.01
CA LEU A 243 -21.03 -8.99 9.18
C LEU A 243 -21.88 -10.25 9.36
N LEU A 244 -22.41 -10.75 8.25
CA LEU A 244 -23.26 -11.94 8.28
C LEU A 244 -22.45 -13.18 8.62
N LYS A 245 -21.29 -13.34 8.00
CA LYS A 245 -20.41 -14.48 8.24
C LYS A 245 -19.97 -14.55 9.70
N SER A 246 -19.78 -13.38 10.31
CA SER A 246 -19.36 -13.31 11.70
C SER A 246 -20.49 -13.69 12.64
N LEU A 247 -21.69 -13.19 12.36
CA LEU A 247 -22.87 -13.50 13.16
C LEU A 247 -23.16 -14.99 13.16
N ILE A 248 -22.88 -15.64 12.04
CA ILE A 248 -23.03 -17.09 11.92
C ILE A 248 -21.99 -17.79 12.77
N SER A 249 -20.75 -17.30 12.73
CA SER A 249 -19.65 -17.91 13.47
C SER A 249 -19.75 -17.65 14.97
N GLN A 250 -20.45 -16.59 15.35
CA GLN A 250 -20.61 -16.24 16.76
C GLN A 250 -21.75 -17.02 17.41
N THR A 251 -22.43 -17.85 16.62
CA THR A 251 -23.52 -18.67 17.14
C THR A 251 -23.31 -20.15 16.81
N VAL A 252 -22.49 -20.81 17.62
CA VAL A 252 -22.23 -22.24 17.44
C VAL A 252 -22.35 -22.99 18.76
N ARG A 285 -32.63 -15.42 20.59
CA ARG A 285 -32.24 -14.02 20.51
C ARG A 285 -32.28 -13.52 19.08
N ILE A 286 -31.29 -13.90 18.28
CA ILE A 286 -31.19 -13.48 16.90
C ILE A 286 -31.63 -14.59 15.95
N ASN A 287 -32.63 -14.29 15.12
CA ASN A 287 -33.10 -15.24 14.12
C ASN A 287 -32.13 -15.26 12.94
N LEU A 288 -31.14 -16.16 13.02
CA LEU A 288 -30.07 -16.22 12.03
C LEU A 288 -30.54 -16.46 10.59
N PRO A 289 -31.48 -17.41 10.36
CA PRO A 289 -31.93 -17.55 8.97
C PRO A 289 -32.65 -16.32 8.45
N HIS A 290 -33.37 -15.62 9.32
CA HIS A 290 -34.15 -14.44 8.92
C HIS A 290 -33.26 -13.32 8.37
N LEU A 291 -32.04 -13.23 8.89
CA LEU A 291 -31.09 -12.22 8.42
C LEU A 291 -30.68 -12.50 6.98
N LEU A 292 -30.62 -13.77 6.61
CA LEU A 292 -30.32 -14.15 5.24
C LEU A 292 -31.56 -13.99 4.37
N GLU A 293 -32.73 -14.14 4.97
CA GLU A 293 -34.00 -13.92 4.27
C GLU A 293 -34.13 -12.44 3.92
N GLU A 294 -33.78 -11.58 4.87
CA GLU A 294 -33.91 -10.14 4.70
C GLU A 294 -32.87 -9.62 3.71
N GLU A 295 -31.69 -10.22 3.73
CA GLU A 295 -30.60 -9.75 2.88
C GLU A 295 -30.83 -10.07 1.41
N VAL A 296 -31.38 -11.26 1.13
CA VAL A 296 -31.63 -11.66 -0.25
C VAL A 296 -32.80 -10.87 -0.84
N GLU A 297 -33.70 -10.43 0.04
CA GLU A 297 -34.83 -9.60 -0.39
C GLU A 297 -34.37 -8.16 -0.59
N PHE A 298 -33.49 -7.71 0.29
CA PHE A 298 -32.92 -6.37 0.19
C PHE A 298 -32.06 -6.24 -1.06
N SER A 299 -31.40 -7.33 -1.43
CA SER A 299 -30.58 -7.36 -2.63
C SER A 299 -31.45 -7.29 -3.89
N THR A 300 -32.59 -7.97 -3.85
CA THR A 300 -33.50 -8.01 -4.98
C THR A 300 -34.15 -6.65 -5.23
N ASP A 301 -34.55 -5.97 -4.16
CA ASP A 301 -35.18 -4.66 -4.27
C ASP A 301 -34.24 -3.63 -4.88
N LEU A 302 -32.95 -3.82 -4.68
CA LEU A 302 -31.95 -2.94 -5.25
C LEU A 302 -31.71 -3.26 -6.73
N ILE A 303 -31.83 -4.54 -7.08
CA ILE A 303 -31.69 -4.96 -8.47
C ILE A 303 -32.88 -4.47 -9.29
N ASP A 304 -34.07 -4.56 -8.71
CA ASP A 304 -35.28 -4.08 -9.35
C ASP A 304 -35.21 -2.57 -9.56
N SER A 305 -34.58 -1.88 -8.62
CA SER A 305 -34.46 -0.43 -8.69
C SER A 305 -33.29 0.00 -9.57
N TYR A 306 -32.15 -0.66 -9.38
CA TYR A 306 -30.95 -0.32 -10.13
C TYR A 306 -30.36 -1.54 -10.83
N PRO A 307 -30.98 -1.96 -11.94
CA PRO A 307 -30.52 -3.13 -12.69
C PRO A 307 -29.23 -2.86 -13.47
N GLY A 308 -28.52 -3.93 -13.86
CA GLY A 308 -27.32 -3.80 -14.64
C GLY A 308 -26.05 -3.78 -13.81
N HIS A 309 -26.21 -3.74 -12.48
CA HIS A 309 -25.08 -3.72 -11.57
C HIS A 309 -24.66 -5.14 -11.19
N GLU A 310 -23.51 -5.57 -11.72
CA GLU A 310 -23.08 -6.96 -11.57
C GLU A 310 -22.56 -7.27 -10.17
N THR A 311 -21.93 -6.30 -9.53
CA THR A 311 -21.41 -6.50 -8.18
C THR A 311 -22.55 -6.74 -7.20
N LEU A 312 -23.67 -6.06 -7.43
CA LEU A 312 -24.86 -6.22 -6.63
C LEU A 312 -25.46 -7.62 -6.81
N TRP A 313 -25.34 -8.14 -8.03
CA TRP A 313 -25.88 -9.45 -8.36
C TRP A 313 -25.06 -10.57 -7.71
N CYS A 314 -23.74 -10.41 -7.72
CA CYS A 314 -22.84 -11.40 -7.14
C CYS A 314 -22.96 -11.45 -5.62
N HIS A 315 -23.35 -10.33 -5.02
CA HIS A 315 -23.54 -10.25 -3.58
C HIS A 315 -24.65 -11.19 -3.13
N ARG A 316 -25.78 -11.13 -3.82
CA ARG A 316 -26.92 -11.99 -3.53
C ARG A 316 -26.57 -13.44 -3.79
N ARG A 317 -25.69 -13.67 -4.76
CA ARG A 317 -25.25 -15.03 -5.11
C ARG A 317 -24.47 -15.65 -3.95
N HIS A 318 -23.80 -14.80 -3.18
CA HIS A 318 -23.03 -15.26 -2.03
C HIS A 318 -23.92 -15.51 -0.82
N ILE A 319 -24.99 -14.74 -0.71
CA ILE A 319 -25.95 -14.92 0.37
C ILE A 319 -26.66 -16.27 0.20
N PHE A 320 -26.87 -16.66 -1.05
CA PHE A 320 -27.43 -17.98 -1.36
C PHE A 320 -26.55 -19.09 -0.83
N TYR A 321 -25.24 -18.91 -0.96
CA TYR A 321 -24.28 -19.90 -0.47
C TYR A 321 -24.32 -20.01 1.05
N LEU A 322 -24.56 -18.89 1.72
CA LEU A 322 -24.65 -18.86 3.18
C LEU A 322 -25.90 -19.59 3.66
N GLN A 323 -26.93 -19.61 2.82
CA GLN A 323 -28.18 -20.29 3.16
C GLN A 323 -28.04 -21.80 2.97
N HIS A 324 -27.24 -22.21 1.99
CA HIS A 324 -27.01 -23.63 1.75
C HIS A 324 -26.02 -24.21 2.77
N HIS A 325 -25.26 -23.34 3.41
CA HIS A 325 -24.27 -23.77 4.40
C HIS A 325 -24.92 -24.18 5.70
N LEU A 326 -26.03 -23.53 6.05
CA LEU A 326 -26.75 -23.86 7.27
C LEU A 326 -27.60 -25.12 7.08
N ASN A 327 -27.77 -25.52 5.83
CA ASN A 327 -28.52 -26.72 5.49
C ASN A 327 -27.72 -27.98 5.77
N PRO B 20 2.43 5.35 -33.07
CA PRO B 20 1.67 4.38 -33.85
C PRO B 20 1.80 2.96 -33.31
N ASP B 21 1.96 1.99 -34.21
CA ASP B 21 2.11 0.59 -33.82
C ASP B 21 3.59 0.25 -33.61
N THR B 22 4.43 1.27 -33.59
CA THR B 22 5.87 1.08 -33.44
C THR B 22 6.21 0.63 -32.02
N LEU B 23 7.07 -0.39 -31.92
CA LEU B 23 7.49 -0.92 -30.63
C LEU B 23 8.95 -0.60 -30.35
N LEU B 24 9.38 0.57 -30.79
CA LEU B 24 10.76 1.01 -30.61
C LEU B 24 11.06 1.31 -29.15
N LEU B 25 12.10 0.68 -28.61
CA LEU B 25 12.43 0.79 -27.20
C LEU B 25 13.66 1.65 -26.93
N GLU B 26 14.28 2.14 -28.00
CA GLU B 26 15.50 2.95 -27.87
C GLU B 26 15.20 4.28 -27.16
N LYS B 27 14.04 4.85 -27.45
CA LYS B 27 13.65 6.13 -26.86
C LYS B 27 13.07 5.92 -25.46
N HIS B 28 12.76 4.67 -25.14
CA HIS B 28 12.26 4.32 -23.81
C HIS B 28 13.42 4.22 -22.82
N ALA B 29 14.49 3.58 -23.25
CA ALA B 29 15.69 3.43 -22.41
C ALA B 29 16.33 4.78 -22.12
N ASP B 30 16.25 5.70 -23.10
CA ASP B 30 16.76 7.04 -22.92
C ASP B 30 15.96 7.81 -21.89
N TYR B 31 14.66 7.53 -21.83
CA TYR B 31 13.77 8.21 -20.90
C TYR B 31 14.09 7.83 -19.44
N ILE B 32 14.33 6.55 -19.20
CA ILE B 32 14.63 6.07 -17.87
C ILE B 32 15.96 6.61 -17.36
N ALA B 33 16.98 6.56 -18.21
CA ALA B 33 18.31 7.00 -17.83
C ALA B 33 18.37 8.52 -17.62
N SER B 34 17.53 9.25 -18.33
CA SER B 34 17.53 10.71 -18.24
C SER B 34 16.42 11.22 -17.33
N TYR B 35 15.79 10.32 -16.59
CA TYR B 35 14.73 10.70 -15.68
C TYR B 35 15.29 11.18 -14.34
N GLY B 36 16.48 10.70 -14.01
CA GLY B 36 17.13 11.08 -12.77
C GLY B 36 18.02 12.30 -12.93
N SER B 37 17.93 12.95 -14.09
CA SER B 37 18.71 14.15 -14.37
C SER B 37 17.86 15.40 -14.24
N LYS B 38 16.54 15.21 -14.13
CA LYS B 38 15.61 16.32 -14.00
C LYS B 38 15.72 16.95 -12.60
N LYS B 39 15.95 18.26 -12.57
CA LYS B 39 16.15 18.96 -11.31
C LYS B 39 14.83 19.24 -10.59
N ASP B 40 14.35 18.24 -9.85
CA ASP B 40 13.17 18.40 -9.01
C ASP B 40 13.51 17.99 -7.58
N ASP B 41 14.36 18.78 -6.94
CA ASP B 41 14.89 18.48 -5.62
C ASP B 41 13.82 18.19 -4.58
N TYR B 42 12.62 18.74 -4.80
CA TYR B 42 11.53 18.54 -3.87
C TYR B 42 10.70 17.29 -4.18
N GLU B 43 10.50 17.01 -5.47
CA GLU B 43 9.62 15.93 -5.89
C GLU B 43 10.08 14.55 -5.43
N TYR B 44 11.37 14.24 -5.62
CA TYR B 44 11.89 12.94 -5.22
C TYR B 44 12.23 12.93 -3.74
N CYS B 45 12.00 14.05 -3.06
CA CYS B 45 12.19 14.13 -1.62
C CYS B 45 10.97 13.59 -0.89
N MET B 46 9.80 13.71 -1.52
CA MET B 46 8.57 13.19 -0.94
C MET B 46 8.41 11.70 -1.23
N SER B 47 9.06 11.21 -2.28
CA SER B 47 8.95 9.82 -2.67
C SER B 47 10.17 9.02 -2.19
N GLU B 48 10.93 9.59 -1.27
CA GLU B 48 12.15 8.97 -0.78
C GLU B 48 11.87 7.70 0.02
N TYR B 49 10.61 7.53 0.42
CA TYR B 49 10.21 6.34 1.17
C TYR B 49 9.94 5.16 0.24
N LEU B 50 10.16 5.36 -1.06
CA LEU B 50 9.94 4.32 -2.06
C LEU B 50 11.14 4.15 -2.97
N ARG B 51 12.14 5.02 -2.81
CA ARG B 51 13.25 5.09 -3.76
C ARG B 51 14.02 3.80 -3.91
N MET B 52 14.00 2.93 -2.91
CA MET B 52 14.65 1.63 -3.03
C MET B 52 13.92 0.77 -4.07
N SER B 53 12.60 0.74 -3.96
CA SER B 53 11.78 0.04 -4.94
C SER B 53 11.79 0.78 -6.26
N GLY B 54 11.78 2.11 -6.18
CA GLY B 54 11.84 2.96 -7.36
C GLY B 54 13.07 2.70 -8.20
N ILE B 55 14.19 2.43 -7.52
CA ILE B 55 15.43 2.08 -8.20
C ILE B 55 15.31 0.71 -8.85
N TYR B 56 14.84 -0.27 -8.07
CA TYR B 56 14.63 -1.63 -8.60
C TYR B 56 13.73 -1.61 -9.82
N TRP B 57 12.74 -0.74 -9.79
CA TRP B 57 11.82 -0.60 -10.90
C TRP B 57 12.58 -0.21 -12.16
N GLY B 58 13.15 1.00 -12.16
CA GLY B 58 13.90 1.48 -13.31
C GLY B 58 14.98 0.53 -13.78
N LEU B 59 15.61 -0.17 -12.84
CA LEU B 59 16.71 -1.09 -13.17
C LEU B 59 16.25 -2.34 -13.91
N THR B 60 15.11 -2.90 -13.50
CA THR B 60 14.70 -4.20 -14.00
C THR B 60 14.26 -4.17 -15.47
N VAL B 61 13.85 -3.01 -15.96
CA VAL B 61 13.42 -2.91 -17.35
C VAL B 61 14.58 -2.54 -18.27
N MET B 62 15.56 -1.83 -17.74
CA MET B 62 16.79 -1.57 -18.48
C MET B 62 17.47 -2.92 -18.72
N ASP B 63 17.32 -3.82 -17.76
CA ASP B 63 17.85 -5.17 -17.90
C ASP B 63 16.99 -5.96 -18.88
N LEU B 64 15.69 -5.67 -18.87
CA LEU B 64 14.75 -6.32 -19.80
C LEU B 64 14.98 -5.84 -21.23
N MET B 65 15.45 -4.62 -21.38
CA MET B 65 15.72 -4.04 -22.69
C MET B 65 17.20 -4.18 -23.07
N GLY B 66 17.98 -4.76 -22.17
CA GLY B 66 19.41 -4.94 -22.39
C GLY B 66 20.18 -3.65 -22.25
N GLN B 67 19.66 -2.72 -21.45
CA GLN B 67 20.27 -1.42 -21.27
C GLN B 67 20.57 -1.13 -19.80
N LEU B 68 20.85 -2.19 -19.03
CA LEU B 68 21.15 -2.04 -17.62
C LEU B 68 22.45 -1.27 -17.41
N HIS B 69 23.31 -1.31 -18.42
CA HIS B 69 24.61 -0.64 -18.37
C HIS B 69 24.49 0.88 -18.45
N ARG B 70 23.30 1.38 -18.74
CA ARG B 70 23.11 2.83 -18.82
C ARG B 70 22.74 3.40 -17.46
N MET B 71 22.72 2.54 -16.46
CA MET B 71 22.42 2.94 -15.09
C MET B 71 23.67 2.79 -14.22
N ASN B 72 23.86 3.71 -13.30
CA ASN B 72 25.06 3.71 -12.46
C ASN B 72 25.01 2.62 -11.38
N ARG B 73 25.71 1.53 -11.62
CA ARG B 73 25.72 0.38 -10.72
C ARG B 73 26.44 0.67 -9.41
N GLU B 74 27.64 1.24 -9.50
CA GLU B 74 28.49 1.47 -8.33
C GLU B 74 27.82 2.36 -7.28
N GLU B 75 27.11 3.39 -7.74
CA GLU B 75 26.45 4.32 -6.82
C GLU B 75 25.22 3.70 -6.17
N ILE B 76 24.70 2.66 -6.79
CA ILE B 76 23.53 1.96 -6.27
C ILE B 76 23.94 0.91 -5.24
N LEU B 77 25.03 0.21 -5.52
CA LEU B 77 25.57 -0.78 -4.59
C LEU B 77 25.95 -0.15 -3.27
N ALA B 78 26.50 1.06 -3.33
CA ALA B 78 26.86 1.79 -2.12
C ALA B 78 25.61 2.26 -1.38
N PHE B 79 24.59 2.62 -2.14
CA PHE B 79 23.33 3.10 -1.57
C PHE B 79 22.61 2.00 -0.80
N ILE B 80 22.65 0.79 -1.33
CA ILE B 80 21.99 -0.36 -0.71
C ILE B 80 22.68 -0.77 0.58
N LYS B 81 24.01 -0.83 0.55
CA LYS B 81 24.80 -1.19 1.72
C LYS B 81 24.60 -0.17 2.84
N SER B 82 24.34 1.07 2.46
CA SER B 82 24.10 2.14 3.42
C SER B 82 22.65 2.16 3.91
N CYS B 83 21.85 1.21 3.42
CA CYS B 83 20.45 1.13 3.81
C CYS B 83 20.15 -0.08 4.68
N GLN B 84 21.14 -0.95 4.87
CA GLN B 84 20.97 -2.10 5.76
C GLN B 84 21.30 -1.68 7.19
N HIS B 85 20.36 -1.94 8.10
CA HIS B 85 20.55 -1.58 9.50
C HIS B 85 21.15 -2.73 10.30
N GLU B 86 21.39 -2.50 11.58
CA GLU B 86 22.03 -3.50 12.44
C GLU B 86 21.12 -4.71 12.66
N CYS B 87 19.81 -4.49 12.58
CA CYS B 87 18.85 -5.58 12.75
C CYS B 87 18.80 -6.48 11.51
N GLY B 88 19.48 -6.06 10.45
CA GLY B 88 19.54 -6.83 9.23
C GLY B 88 18.63 -6.29 8.14
N GLY B 89 17.56 -5.62 8.55
CA GLY B 89 16.59 -5.08 7.62
C GLY B 89 17.15 -3.98 6.75
N ILE B 90 16.46 -3.67 5.67
CA ILE B 90 16.92 -2.67 4.72
C ILE B 90 15.88 -1.57 4.53
N SER B 91 16.34 -0.32 4.59
CA SER B 91 15.45 0.83 4.44
C SER B 91 15.17 1.15 2.96
N ALA B 92 14.19 2.01 2.74
CA ALA B 92 13.88 2.48 1.39
C ALA B 92 14.91 3.50 0.94
N SER B 93 15.56 4.13 1.92
CA SER B 93 16.59 5.12 1.67
C SER B 93 17.43 5.32 2.92
N ILE B 94 18.58 5.97 2.77
CA ILE B 94 19.46 6.23 3.91
C ILE B 94 18.76 7.08 4.96
N GLY B 95 18.73 6.59 6.19
CA GLY B 95 18.12 7.32 7.29
C GLY B 95 16.69 6.92 7.57
N HIS B 96 16.11 6.11 6.68
CA HIS B 96 14.76 5.62 6.88
C HIS B 96 14.76 4.34 7.72
N ASP B 97 13.59 4.01 8.27
CA ASP B 97 13.45 2.78 9.04
C ASP B 97 13.38 1.56 8.13
N PRO B 98 14.05 0.47 8.51
CA PRO B 98 14.06 -0.76 7.71
C PRO B 98 12.69 -1.42 7.65
N HIS B 99 12.28 -1.83 6.44
CA HIS B 99 11.01 -2.50 6.25
C HIS B 99 11.19 -3.72 5.35
N LEU B 100 10.23 -4.64 5.41
CA LEU B 100 10.30 -5.87 4.63
C LEU B 100 10.12 -5.62 3.14
N LEU B 101 9.30 -4.62 2.80
CA LEU B 101 9.05 -4.25 1.42
C LEU B 101 10.33 -3.89 0.69
N TYR B 102 11.10 -2.99 1.30
CA TYR B 102 12.30 -2.45 0.67
C TYR B 102 13.51 -3.33 0.97
N THR B 103 13.28 -4.37 1.76
CA THR B 103 14.29 -5.41 1.94
C THR B 103 14.25 -6.32 0.72
N LEU B 104 13.03 -6.57 0.22
CA LEU B 104 12.83 -7.36 -0.98
C LEU B 104 13.44 -6.66 -2.19
N SER B 105 13.06 -5.40 -2.38
CA SER B 105 13.53 -4.59 -3.50
C SER B 105 15.05 -4.55 -3.59
N ALA B 106 15.69 -4.32 -2.45
CA ALA B 106 17.15 -4.25 -2.39
C ALA B 106 17.79 -5.58 -2.82
N VAL B 107 17.23 -6.69 -2.33
CA VAL B 107 17.71 -8.02 -2.68
C VAL B 107 17.55 -8.29 -4.18
N GLN B 108 16.39 -7.91 -4.71
CA GLN B 108 16.12 -8.07 -6.14
C GLN B 108 17.14 -7.33 -6.99
N ILE B 109 17.50 -6.12 -6.56
CA ILE B 109 18.51 -5.31 -7.26
C ILE B 109 19.85 -6.01 -7.25
N LEU B 110 20.29 -6.42 -6.06
CA LEU B 110 21.58 -7.07 -5.89
C LEU B 110 21.67 -8.38 -6.67
N THR B 111 20.51 -8.98 -6.93
CA THR B 111 20.45 -10.21 -7.73
C THR B 111 20.75 -9.90 -9.18
N LEU B 112 20.25 -8.77 -9.67
CA LEU B 112 20.50 -8.34 -11.03
C LEU B 112 21.98 -8.12 -11.29
N TYR B 113 22.67 -7.59 -10.28
CA TYR B 113 24.08 -7.22 -10.42
C TYR B 113 25.03 -8.35 -10.02
N ASP B 114 24.48 -9.54 -9.79
CA ASP B 114 25.26 -10.71 -9.39
C ASP B 114 26.13 -10.42 -8.16
N SER B 115 25.54 -9.76 -7.17
CA SER B 115 26.28 -9.36 -5.98
C SER B 115 25.37 -9.17 -4.77
N ILE B 116 24.92 -10.26 -4.18
CA ILE B 116 24.13 -10.20 -2.96
C ILE B 116 25.03 -10.13 -1.74
N ASN B 117 26.30 -10.47 -1.93
CA ASN B 117 27.27 -10.45 -0.85
C ASN B 117 27.73 -9.04 -0.51
N VAL B 118 27.15 -8.06 -1.18
CA VAL B 118 27.39 -6.65 -0.86
C VAL B 118 26.90 -6.37 0.55
N ILE B 119 25.75 -6.95 0.90
CA ILE B 119 25.17 -6.78 2.22
C ILE B 119 25.37 -8.03 3.07
N ASP B 120 25.01 -7.94 4.35
CA ASP B 120 25.09 -9.08 5.25
C ASP B 120 23.92 -10.02 4.97
N VAL B 121 24.22 -11.12 4.29
CA VAL B 121 23.18 -12.07 3.88
C VAL B 121 22.49 -12.72 5.07
N ASN B 122 23.27 -13.11 6.06
CA ASN B 122 22.75 -13.80 7.24
C ASN B 122 21.78 -12.93 8.04
N LYS B 123 22.13 -11.65 8.21
CA LYS B 123 21.29 -10.75 8.99
C LYS B 123 19.96 -10.45 8.31
N VAL B 124 19.96 -10.42 6.98
CA VAL B 124 18.73 -10.23 6.22
C VAL B 124 17.81 -11.43 6.45
N VAL B 125 18.39 -12.63 6.41
CA VAL B 125 17.65 -13.85 6.72
C VAL B 125 17.14 -13.80 8.16
N GLU B 126 18.02 -13.41 9.08
CA GLU B 126 17.68 -13.29 10.49
C GLU B 126 16.54 -12.29 10.70
N TYR B 127 16.60 -11.18 9.97
CA TYR B 127 15.60 -10.13 10.06
C TYR B 127 14.24 -10.61 9.56
N VAL B 128 14.23 -11.26 8.40
CA VAL B 128 13.00 -11.77 7.82
C VAL B 128 12.39 -12.86 8.68
N LYS B 129 13.23 -13.76 9.17
CA LYS B 129 12.80 -14.87 10.02
C LYS B 129 12.09 -14.37 11.27
N GLY B 130 12.62 -13.30 11.86
CA GLY B 130 12.08 -12.76 13.10
C GLY B 130 10.85 -11.90 12.90
N LEU B 131 10.28 -11.93 11.70
CA LEU B 131 9.08 -11.17 11.40
C LEU B 131 7.87 -12.08 11.26
N GLN B 132 8.10 -13.39 11.38
CA GLN B 132 7.01 -14.35 11.29
C GLN B 132 6.31 -14.53 12.63
N LYS B 133 5.00 -14.68 12.59
CA LYS B 133 4.22 -14.89 13.81
C LYS B 133 3.95 -16.38 14.02
N GLU B 134 3.19 -16.70 15.06
CA GLU B 134 2.92 -18.09 15.41
C GLU B 134 1.85 -18.70 14.51
N ASP B 135 1.07 -17.85 13.85
CA ASP B 135 0.04 -18.34 12.93
C ASP B 135 0.59 -18.44 11.51
N GLY B 136 1.89 -18.18 11.37
CA GLY B 136 2.56 -18.31 10.10
C GLY B 136 2.60 -17.03 9.29
N SER B 137 1.85 -16.03 9.73
CA SER B 137 1.80 -14.75 9.04
C SER B 137 3.13 -14.00 9.15
N PHE B 138 3.27 -12.94 8.36
CA PHE B 138 4.46 -12.12 8.41
C PHE B 138 4.12 -10.65 8.63
N ALA B 139 4.95 -9.96 9.40
CA ALA B 139 4.76 -8.54 9.64
C ALA B 139 5.68 -7.72 8.75
N GLY B 140 5.28 -6.48 8.46
CA GLY B 140 6.08 -5.60 7.64
C GLY B 140 7.34 -5.14 8.35
N ASP B 141 7.17 -4.61 9.55
CA ASP B 141 8.31 -4.20 10.37
C ASP B 141 8.13 -4.69 11.80
N ILE B 142 8.93 -4.11 12.71
CA ILE B 142 8.90 -4.53 14.11
C ILE B 142 7.61 -4.07 14.79
N TRP B 143 6.84 -3.23 14.11
CA TRP B 143 5.59 -2.72 14.65
C TRP B 143 4.41 -3.64 14.35
N GLY B 144 4.71 -4.76 13.69
CA GLY B 144 3.76 -5.84 13.52
C GLY B 144 2.48 -5.57 12.73
N GLU B 145 2.62 -5.01 11.54
CA GLU B 145 1.48 -4.88 10.64
C GLU B 145 1.33 -6.16 9.82
N ILE B 146 0.15 -6.77 9.86
CA ILE B 146 -0.06 -8.05 9.21
C ILE B 146 -0.68 -7.91 7.82
N ASP B 147 -0.03 -8.52 6.83
CA ASP B 147 -0.52 -8.52 5.46
C ASP B 147 0.08 -9.69 4.69
N THR B 148 -0.64 -10.16 3.69
CA THR B 148 -0.15 -11.25 2.84
C THR B 148 0.94 -10.76 1.90
N ARG B 149 1.03 -9.44 1.72
CA ARG B 149 2.10 -8.85 0.93
C ARG B 149 3.43 -9.16 1.59
N PHE B 150 3.45 -9.10 2.92
CA PHE B 150 4.66 -9.35 3.69
C PHE B 150 4.97 -10.83 3.69
N SER B 151 3.94 -11.66 3.54
CA SER B 151 4.13 -13.09 3.40
C SER B 151 4.88 -13.38 2.11
N PHE B 152 4.52 -12.66 1.05
CA PHE B 152 5.18 -12.80 -0.24
C PHE B 152 6.57 -12.18 -0.22
N CYS B 153 6.68 -11.00 0.37
CA CYS B 153 7.97 -10.31 0.46
C CYS B 153 9.00 -11.14 1.22
N ALA B 154 8.52 -11.89 2.21
CA ALA B 154 9.40 -12.73 3.02
C ALA B 154 9.91 -13.93 2.24
N VAL B 155 8.99 -14.68 1.62
CA VAL B 155 9.33 -15.89 0.90
C VAL B 155 10.17 -15.59 -0.35
N ALA B 156 9.90 -14.47 -0.99
CA ALA B 156 10.62 -14.08 -2.20
C ALA B 156 12.05 -13.71 -1.87
N THR B 157 12.23 -12.90 -0.82
CA THR B 157 13.54 -12.47 -0.37
C THR B 157 14.41 -13.67 -0.01
N LEU B 158 13.85 -14.60 0.74
CA LEU B 158 14.57 -15.80 1.17
C LEU B 158 14.87 -16.72 0.00
N ALA B 159 13.99 -16.71 -1.00
CA ALA B 159 14.19 -17.53 -2.18
C ALA B 159 15.41 -17.07 -2.97
N LEU B 160 15.54 -15.76 -3.13
CA LEU B 160 16.68 -15.17 -3.83
C LEU B 160 17.96 -15.34 -3.02
N LEU B 161 17.81 -15.54 -1.71
CA LEU B 161 18.94 -15.73 -0.82
C LEU B 161 19.29 -17.20 -0.68
N GLY B 162 18.38 -18.07 -1.11
CA GLY B 162 18.60 -19.51 -1.02
C GLY B 162 18.41 -20.03 0.39
N LYS B 163 17.77 -19.23 1.23
CA LYS B 163 17.53 -19.61 2.62
C LYS B 163 16.04 -19.58 2.94
N LEU B 164 15.25 -20.36 2.20
CA LEU B 164 13.81 -20.39 2.38
C LEU B 164 13.41 -21.27 3.56
N ASP B 165 14.20 -22.30 3.83
CA ASP B 165 13.92 -23.21 4.93
C ASP B 165 14.27 -22.59 6.28
N ALA B 166 14.69 -21.33 6.27
CA ALA B 166 15.04 -20.62 7.49
C ALA B 166 13.80 -20.21 8.28
N ILE B 167 12.64 -20.35 7.65
CA ILE B 167 11.37 -20.09 8.31
C ILE B 167 10.49 -21.32 8.30
N ASN B 168 9.42 -21.29 9.09
CA ASN B 168 8.43 -22.36 9.07
C ASN B 168 7.52 -22.18 7.86
N VAL B 169 7.84 -22.89 6.78
CA VAL B 169 7.10 -22.76 5.53
C VAL B 169 5.67 -23.24 5.68
N GLU B 170 5.48 -24.30 6.47
CA GLU B 170 4.17 -24.92 6.65
C GLU B 170 3.14 -23.93 7.20
N LYS B 171 3.47 -23.27 8.31
CA LYS B 171 2.58 -22.28 8.91
C LYS B 171 2.39 -21.08 7.99
N ALA B 172 3.45 -20.74 7.24
CA ALA B 172 3.39 -19.63 6.30
C ALA B 172 2.37 -19.92 5.20
N ILE B 173 2.42 -21.13 4.64
CA ILE B 173 1.46 -21.56 3.64
C ILE B 173 0.07 -21.63 4.25
N GLU B 174 -0.01 -22.10 5.48
CA GLU B 174 -1.28 -22.26 6.19
C GLU B 174 -2.02 -20.92 6.35
N PHE B 175 -1.28 -19.87 6.64
CA PHE B 175 -1.89 -18.56 6.86
C PHE B 175 -2.40 -17.94 5.56
N VAL B 176 -1.62 -18.08 4.50
CA VAL B 176 -1.98 -17.51 3.21
C VAL B 176 -3.24 -18.17 2.64
N LEU B 177 -3.32 -19.49 2.79
CA LEU B 177 -4.49 -20.23 2.33
C LEU B 177 -5.73 -19.85 3.12
N SER B 178 -5.52 -19.37 4.35
CA SER B 178 -6.63 -18.95 5.21
C SER B 178 -7.13 -17.57 4.82
N CYS B 179 -6.42 -16.91 3.92
CA CYS B 179 -6.82 -15.60 3.43
C CYS B 179 -7.57 -15.74 2.11
N MET B 180 -7.73 -16.97 1.66
CA MET B 180 -8.45 -17.25 0.42
C MET B 180 -9.96 -17.10 0.64
N ASN B 181 -10.54 -16.10 0.01
CA ASN B 181 -11.97 -15.84 0.15
C ASN B 181 -12.83 -16.76 -0.71
N PHE B 182 -14.13 -16.52 -0.70
CA PHE B 182 -15.08 -17.34 -1.45
C PHE B 182 -14.99 -17.05 -2.94
N ASP B 183 -14.48 -15.87 -3.29
CA ASP B 183 -14.33 -15.49 -4.69
C ASP B 183 -13.24 -16.31 -5.37
N GLY B 184 -12.41 -16.96 -4.56
CA GLY B 184 -11.24 -17.66 -5.08
C GLY B 184 -10.03 -16.74 -5.00
N GLY B 185 -10.31 -15.48 -4.69
CA GLY B 185 -9.26 -14.48 -4.57
C GLY B 185 -8.68 -14.43 -3.17
N PHE B 186 -7.75 -13.50 -2.95
CA PHE B 186 -7.07 -13.38 -1.68
C PHE B 186 -7.14 -11.97 -1.11
N GLY B 187 -7.00 -11.85 0.20
CA GLY B 187 -6.98 -10.56 0.85
C GLY B 187 -5.70 -10.33 1.63
N CYS B 188 -5.63 -9.21 2.34
CA CYS B 188 -4.46 -8.89 3.15
C CYS B 188 -4.43 -9.75 4.41
N ARG B 189 -5.55 -9.78 5.11
CA ARG B 189 -5.72 -10.59 6.32
C ARG B 189 -6.95 -11.47 6.17
N PRO B 190 -7.05 -12.55 6.97
CA PRO B 190 -8.23 -13.42 6.88
C PRO B 190 -9.53 -12.65 7.11
N GLY B 191 -10.46 -12.79 6.16
CA GLY B 191 -11.74 -12.12 6.26
C GLY B 191 -11.82 -10.88 5.39
N SER B 192 -10.68 -10.40 4.93
CA SER B 192 -10.63 -9.20 4.11
C SER B 192 -11.05 -9.50 2.67
N GLU B 193 -11.40 -8.45 1.94
CA GLU B 193 -11.91 -8.58 0.57
C GLU B 193 -10.84 -9.07 -0.40
N SER B 194 -11.26 -9.82 -1.41
CA SER B 194 -10.36 -10.27 -2.47
C SER B 194 -9.89 -9.09 -3.33
N HIS B 195 -8.58 -8.95 -3.47
CA HIS B 195 -8.01 -7.86 -4.26
C HIS B 195 -6.86 -8.38 -5.14
N ALA B 196 -6.71 -7.77 -6.31
CA ALA B 196 -5.72 -8.21 -7.30
C ALA B 196 -4.30 -8.12 -6.76
N GLY B 197 -4.01 -7.06 -6.01
CA GLY B 197 -2.70 -6.87 -5.42
C GLY B 197 -2.36 -7.97 -4.44
N GLN B 198 -3.34 -8.38 -3.66
CA GLN B 198 -3.17 -9.44 -2.68
C GLN B 198 -3.07 -10.80 -3.37
N ILE B 199 -3.84 -10.95 -4.45
CA ILE B 199 -3.79 -12.18 -5.25
C ILE B 199 -2.41 -12.37 -5.86
N TYR B 200 -1.86 -11.30 -6.42
CA TYR B 200 -0.52 -11.33 -7.01
C TYR B 200 0.52 -11.80 -6.00
N CYS B 201 0.40 -11.34 -4.76
CA CYS B 201 1.31 -11.73 -3.70
C CYS B 201 1.12 -13.18 -3.31
N CYS B 202 -0.13 -13.57 -3.09
CA CYS B 202 -0.46 -14.93 -2.63
C CYS B 202 -0.19 -15.98 -3.70
N THR B 203 -0.54 -15.68 -4.94
CA THR B 203 -0.24 -16.58 -6.05
C THR B 203 1.27 -16.76 -6.18
N GLY B 204 1.99 -15.65 -6.07
CA GLY B 204 3.45 -15.68 -6.08
C GLY B 204 3.99 -16.43 -4.89
N PHE B 205 3.31 -16.30 -3.75
CA PHE B 205 3.68 -17.02 -2.54
C PHE B 205 3.58 -18.52 -2.75
N LEU B 206 2.45 -18.96 -3.28
CA LEU B 206 2.21 -20.38 -3.52
C LEU B 206 3.13 -20.91 -4.61
N ALA B 207 3.53 -20.03 -5.52
CA ALA B 207 4.41 -20.41 -6.62
C ALA B 207 5.80 -20.80 -6.11
N ILE B 208 6.30 -20.05 -5.14
CA ILE B 208 7.62 -20.31 -4.57
C ILE B 208 7.58 -21.50 -3.63
N THR B 209 6.50 -21.62 -2.87
CA THR B 209 6.36 -22.69 -1.88
C THR B 209 5.90 -24.01 -2.51
N SER B 210 5.81 -24.02 -3.84
CA SER B 210 5.40 -25.20 -4.59
C SER B 210 4.02 -25.70 -4.16
N GLN B 211 3.12 -24.76 -3.88
CA GLN B 211 1.75 -25.09 -3.46
C GLN B 211 0.72 -24.42 -4.36
N LEU B 212 0.91 -24.56 -5.67
CA LEU B 212 0.02 -23.93 -6.64
C LEU B 212 -1.24 -24.76 -6.85
N HIS B 213 -1.19 -26.03 -6.46
CA HIS B 213 -2.33 -26.92 -6.60
C HIS B 213 -3.41 -26.60 -5.58
N GLN B 214 -3.03 -25.89 -4.52
CA GLN B 214 -3.95 -25.53 -3.45
C GLN B 214 -5.01 -24.53 -3.91
N VAL B 215 -4.71 -23.79 -4.97
CA VAL B 215 -5.64 -22.79 -5.48
C VAL B 215 -6.38 -23.32 -6.71
N ASN B 216 -7.62 -22.90 -6.88
CA ASN B 216 -8.41 -23.28 -8.04
C ASN B 216 -8.01 -22.43 -9.25
N SER B 217 -7.21 -23.02 -10.14
CA SER B 217 -6.68 -22.31 -11.30
C SER B 217 -7.79 -21.81 -12.22
N ASP B 218 -8.89 -22.56 -12.28
CA ASP B 218 -10.01 -22.21 -13.15
C ASP B 218 -10.90 -21.13 -12.53
N LEU B 219 -11.19 -21.28 -11.24
CA LEU B 219 -12.05 -20.33 -10.54
C LEU B 219 -11.40 -18.96 -10.40
N LEU B 220 -10.14 -18.96 -9.99
CA LEU B 220 -9.39 -17.71 -9.82
C LEU B 220 -9.14 -17.04 -11.16
N GLY B 221 -8.92 -17.85 -12.19
CA GLY B 221 -8.71 -17.34 -13.53
C GLY B 221 -9.92 -16.59 -14.05
N TRP B 222 -11.10 -17.12 -13.74
CA TRP B 222 -12.35 -16.49 -14.15
C TRP B 222 -12.56 -15.19 -13.38
N TRP B 223 -12.02 -15.12 -12.17
CA TRP B 223 -12.13 -13.93 -11.35
C TRP B 223 -11.29 -12.79 -11.92
N LEU B 224 -10.03 -13.09 -12.23
CA LEU B 224 -9.09 -12.09 -12.72
C LEU B 224 -9.53 -11.50 -14.06
N CYS B 225 -9.94 -12.36 -14.98
CA CYS B 225 -10.34 -11.92 -16.32
C CYS B 225 -11.57 -11.02 -16.28
N GLU B 226 -12.46 -11.31 -15.33
CA GLU B 226 -13.71 -10.56 -15.20
C GLU B 226 -13.48 -9.20 -14.54
N ARG B 227 -12.50 -9.15 -13.63
CA ARG B 227 -12.24 -7.94 -12.85
C ARG B 227 -11.44 -6.90 -13.61
N GLN B 228 -11.90 -5.66 -13.57
CA GLN B 228 -11.20 -4.53 -14.17
C GLN B 228 -11.44 -3.25 -13.37
N LEU B 229 -10.45 -2.36 -13.35
CA LEU B 229 -10.54 -1.11 -12.60
C LEU B 229 -11.58 -0.18 -13.21
N PRO B 242 -3.38 4.24 -9.49
CA PRO B 242 -2.46 3.53 -10.38
C PRO B 242 -3.07 2.24 -10.92
N ASP B 243 -3.42 2.24 -12.21
CA ASP B 243 -4.18 1.15 -12.79
C ASP B 243 -3.32 0.06 -13.42
N VAL B 244 -2.06 0.37 -13.70
CA VAL B 244 -1.16 -0.62 -14.28
C VAL B 244 -0.62 -1.53 -13.17
N CYS B 245 -0.72 -1.07 -11.93
CA CYS B 245 -0.59 -1.97 -10.78
C CYS B 245 -1.56 -3.11 -10.99
N TYR B 246 -2.82 -2.73 -11.02
CA TYR B 246 -3.95 -3.62 -11.25
C TYR B 246 -3.77 -4.44 -12.53
N SER B 247 -3.26 -3.80 -13.58
CA SER B 247 -3.08 -4.44 -14.86
C SER B 247 -1.98 -5.50 -14.81
N TRP B 248 -0.85 -5.15 -14.19
CA TRP B 248 0.26 -6.09 -14.04
C TRP B 248 -0.10 -7.24 -13.11
N TRP B 249 -0.79 -6.91 -12.02
CA TRP B 249 -1.17 -7.90 -11.02
C TRP B 249 -2.09 -8.96 -11.61
N VAL B 250 -2.94 -8.56 -12.55
CA VAL B 250 -3.82 -9.51 -13.23
C VAL B 250 -3.03 -10.36 -14.22
N LEU B 251 -2.22 -9.71 -15.05
CA LEU B 251 -1.44 -10.40 -16.07
C LEU B 251 -0.42 -11.38 -15.48
N ALA B 252 0.32 -10.92 -14.48
CA ALA B 252 1.35 -11.73 -13.85
C ALA B 252 0.75 -12.95 -13.15
N SER B 253 -0.36 -12.74 -12.47
CA SER B 253 -1.04 -13.82 -11.74
C SER B 253 -1.50 -14.92 -12.70
N LEU B 254 -2.14 -14.51 -13.79
CA LEU B 254 -2.63 -15.44 -14.80
C LEU B 254 -1.50 -16.29 -15.39
N LYS B 255 -0.32 -15.68 -15.52
CA LYS B 255 0.86 -16.39 -16.00
C LYS B 255 1.30 -17.43 -14.97
N ILE B 256 1.25 -17.03 -13.70
CA ILE B 256 1.60 -17.94 -12.60
C ILE B 256 0.58 -19.06 -12.52
N ILE B 257 -0.70 -18.71 -12.67
CA ILE B 257 -1.78 -19.69 -12.65
C ILE B 257 -1.62 -20.72 -13.76
N GLY B 258 -1.36 -20.23 -14.97
CA GLY B 258 -1.22 -21.10 -16.12
C GLY B 258 -2.38 -20.89 -17.07
N ARG B 259 -3.40 -20.17 -16.60
CA ARG B 259 -4.56 -19.85 -17.42
C ARG B 259 -4.47 -18.41 -17.92
N LEU B 260 -3.40 -18.12 -18.66
CA LEU B 260 -3.15 -16.78 -19.17
C LEU B 260 -3.90 -16.51 -20.47
N HIS B 261 -4.12 -17.56 -21.25
CA HIS B 261 -4.71 -17.42 -22.58
C HIS B 261 -6.18 -17.01 -22.57
N TRP B 262 -6.77 -16.94 -21.39
CA TRP B 262 -8.17 -16.57 -21.25
C TRP B 262 -8.41 -15.07 -21.47
N ILE B 263 -7.35 -14.36 -21.84
CA ILE B 263 -7.45 -12.93 -22.16
C ILE B 263 -6.84 -12.71 -23.55
N ASP B 264 -7.37 -11.72 -24.28
CA ASP B 264 -6.91 -11.43 -25.62
C ASP B 264 -5.54 -10.75 -25.58
N ARG B 265 -4.55 -11.41 -26.17
CA ARG B 265 -3.18 -10.90 -26.20
C ARG B 265 -3.06 -9.63 -27.03
N GLU B 266 -3.44 -9.73 -28.30
CA GLU B 266 -3.25 -8.67 -29.28
C GLU B 266 -3.99 -7.38 -28.92
N LYS B 267 -5.23 -7.51 -28.49
CA LYS B 267 -6.05 -6.35 -28.13
C LYS B 267 -5.43 -5.56 -26.99
N LEU B 268 -4.75 -6.27 -26.09
CA LEU B 268 -4.13 -5.64 -24.94
C LEU B 268 -2.79 -5.00 -25.32
N ARG B 269 -2.05 -5.66 -26.21
CA ARG B 269 -0.74 -5.17 -26.64
C ARG B 269 -0.83 -3.78 -27.25
N ASN B 270 -1.76 -3.60 -28.17
CA ASN B 270 -1.97 -2.31 -28.82
C ASN B 270 -2.45 -1.26 -27.84
N PHE B 271 -3.25 -1.69 -26.85
CA PHE B 271 -3.75 -0.80 -25.81
C PHE B 271 -2.60 -0.31 -24.94
N ILE B 272 -1.63 -1.18 -24.69
CA ILE B 272 -0.45 -0.82 -23.91
C ILE B 272 0.43 0.16 -24.67
N LEU B 273 0.53 -0.02 -25.98
CA LEU B 273 1.31 0.87 -26.83
C LEU B 273 0.67 2.27 -26.88
N ALA B 274 -0.60 2.35 -26.51
CA ALA B 274 -1.30 3.63 -26.47
C ALA B 274 -0.99 4.39 -25.19
N CYS B 275 -0.58 3.67 -24.17
CA CYS B 275 -0.21 4.28 -22.89
C CYS B 275 1.19 4.89 -22.96
N GLN B 276 1.87 4.66 -24.08
CA GLN B 276 3.20 5.20 -24.29
C GLN B 276 3.18 6.72 -24.46
N ASP B 277 4.36 7.32 -24.38
CA ASP B 277 4.51 8.74 -24.64
C ASP B 277 5.46 8.94 -25.83
N GLU B 278 4.90 9.34 -26.96
CA GLU B 278 5.68 9.46 -28.20
C GLU B 278 6.78 10.52 -28.10
N GLU B 279 6.60 11.48 -27.19
CA GLU B 279 7.55 12.56 -27.04
C GLU B 279 8.64 12.23 -26.03
N THR B 280 8.23 12.00 -24.79
CA THR B 280 9.18 11.74 -23.71
C THR B 280 9.55 10.27 -23.61
N GLY B 281 8.54 9.41 -23.60
CA GLY B 281 8.75 7.98 -23.43
C GLY B 281 8.13 7.49 -22.15
N GLY B 282 8.16 6.17 -21.94
CA GLY B 282 7.62 5.58 -20.73
C GLY B 282 6.12 5.31 -20.84
N PHE B 283 5.57 4.70 -19.79
CA PHE B 283 4.16 4.34 -19.78
C PHE B 283 3.41 5.03 -18.65
N ALA B 284 2.19 5.46 -18.92
CA ALA B 284 1.30 6.00 -17.90
C ALA B 284 0.25 4.96 -17.55
N ASP B 285 -0.61 5.27 -16.59
CA ASP B 285 -1.67 4.35 -16.21
C ASP B 285 -2.75 4.32 -17.29
N ARG B 286 -2.98 5.47 -17.91
CA ARG B 286 -3.95 5.58 -19.01
C ARG B 286 -3.34 6.41 -20.14
N PRO B 287 -3.78 6.17 -21.38
CA PRO B 287 -3.30 6.93 -22.53
C PRO B 287 -3.57 8.43 -22.40
N GLY B 288 -2.51 9.23 -22.30
CA GLY B 288 -2.65 10.66 -22.22
C GLY B 288 -2.36 11.22 -20.84
N ASP B 289 -1.87 10.37 -19.95
CA ASP B 289 -1.55 10.79 -18.59
C ASP B 289 -0.05 10.89 -18.36
N MET B 290 0.33 11.37 -17.17
CA MET B 290 1.74 11.53 -16.81
C MET B 290 2.43 10.18 -16.71
N VAL B 291 3.59 10.07 -17.33
CA VAL B 291 4.34 8.82 -17.32
C VAL B 291 5.35 8.76 -16.18
N ASP B 292 5.49 7.58 -15.60
CA ASP B 292 6.42 7.35 -14.50
C ASP B 292 7.20 6.06 -14.73
N PRO B 293 8.40 5.95 -14.15
CA PRO B 293 9.20 4.73 -14.27
C PRO B 293 8.43 3.48 -13.84
N PHE B 294 7.60 3.63 -12.80
CA PHE B 294 6.85 2.53 -12.23
C PHE B 294 5.91 1.86 -13.23
N HIS B 295 4.95 2.63 -13.76
CA HIS B 295 4.00 2.10 -14.74
C HIS B 295 4.70 1.77 -16.05
N THR B 296 5.85 2.37 -16.26
CA THR B 296 6.65 2.10 -17.46
C THR B 296 7.11 0.65 -17.48
N LEU B 297 7.38 0.10 -16.30
CA LEU B 297 7.80 -1.30 -16.18
C LEU B 297 6.79 -2.24 -16.81
N PHE B 298 5.63 -2.32 -16.18
CA PHE B 298 4.60 -3.26 -16.54
C PHE B 298 4.06 -2.97 -17.94
N GLY B 299 4.41 -1.80 -18.47
CA GLY B 299 4.20 -1.53 -19.87
C GLY B 299 5.19 -2.37 -20.66
N ILE B 300 6.45 -2.34 -20.24
CA ILE B 300 7.50 -3.14 -20.86
C ILE B 300 7.41 -4.60 -20.40
N ALA B 301 7.16 -4.78 -19.09
CA ALA B 301 7.10 -6.12 -18.50
C ALA B 301 5.85 -6.87 -18.92
N GLY B 302 4.75 -6.15 -19.10
CA GLY B 302 3.50 -6.75 -19.53
C GLY B 302 3.61 -7.32 -20.93
N LEU B 303 4.21 -6.55 -21.83
CA LEU B 303 4.43 -7.00 -23.20
C LEU B 303 5.32 -8.23 -23.26
N SER B 304 6.26 -8.32 -22.33
CA SER B 304 7.17 -9.46 -22.27
C SER B 304 6.42 -10.71 -21.82
N LEU B 305 5.30 -10.52 -21.13
CA LEU B 305 4.44 -11.64 -20.76
C LEU B 305 3.50 -11.99 -21.90
N LEU B 306 3.14 -11.00 -22.69
CA LEU B 306 2.24 -11.20 -23.83
C LEU B 306 2.93 -11.97 -24.96
N GLY B 307 4.26 -11.96 -24.95
CA GLY B 307 5.03 -12.70 -25.92
C GLY B 307 5.88 -11.83 -26.83
N GLU B 308 6.35 -10.71 -26.29
CA GLU B 308 7.19 -9.78 -27.06
C GLU B 308 8.56 -10.39 -27.35
N GLU B 309 9.05 -10.19 -28.57
CA GLU B 309 10.34 -10.72 -28.98
C GLU B 309 11.48 -9.78 -28.64
N GLN B 310 11.24 -8.48 -28.79
CA GLN B 310 12.28 -7.47 -28.58
C GLN B 310 12.57 -7.22 -27.11
N ILE B 311 11.78 -7.84 -26.23
CA ILE B 311 11.98 -7.70 -24.80
C ILE B 311 12.26 -9.06 -24.17
N LYS B 312 13.22 -9.10 -23.24
CA LYS B 312 13.58 -10.33 -22.55
C LYS B 312 12.37 -10.95 -21.86
N PRO B 313 12.32 -12.30 -21.81
CA PRO B 313 11.26 -13.01 -21.09
C PRO B 313 11.26 -12.64 -19.61
N VAL B 314 10.20 -11.97 -19.15
CA VAL B 314 10.12 -11.54 -17.77
C VAL B 314 9.45 -12.61 -16.90
N ASN B 315 9.92 -12.74 -15.67
CA ASN B 315 9.32 -13.65 -14.71
C ASN B 315 8.16 -12.96 -13.99
N PRO B 316 6.99 -13.63 -13.95
CA PRO B 316 5.79 -13.01 -13.37
C PRO B 316 5.88 -12.88 -11.85
N VAL B 317 6.61 -13.79 -11.21
CA VAL B 317 6.71 -13.80 -9.75
C VAL B 317 7.65 -12.72 -9.23
N PHE B 318 8.91 -12.77 -9.67
CA PHE B 318 9.93 -11.86 -9.17
C PHE B 318 10.01 -10.57 -9.96
N CYS B 319 9.25 -10.48 -11.04
CA CYS B 319 9.29 -9.32 -11.95
C CYS B 319 10.71 -9.03 -12.40
N MET B 320 11.44 -10.10 -12.75
CA MET B 320 12.82 -10.00 -13.19
C MET B 320 13.02 -10.74 -14.51
N PRO B 321 14.08 -10.40 -15.25
CA PRO B 321 14.43 -11.20 -16.43
C PRO B 321 14.74 -12.65 -16.05
N GLU B 322 14.20 -13.60 -16.81
CA GLU B 322 14.40 -15.01 -16.53
C GLU B 322 15.87 -15.41 -16.57
N GLU B 323 16.65 -14.66 -17.34
CA GLU B 323 18.08 -14.90 -17.49
C GLU B 323 18.82 -14.76 -16.16
N VAL B 324 18.39 -13.80 -15.35
CA VAL B 324 19.04 -13.51 -14.08
C VAL B 324 18.81 -14.61 -13.05
N LEU B 325 17.67 -15.27 -13.15
CA LEU B 325 17.28 -16.29 -12.18
C LEU B 325 18.07 -17.59 -12.33
N GLN B 326 19.08 -17.57 -13.19
CA GLN B 326 19.96 -18.71 -13.38
C GLN B 326 21.41 -18.31 -13.15
N ARG B 327 22.03 -18.89 -12.13
CA ARG B 327 23.42 -18.59 -11.80
C ARG B 327 24.33 -19.78 -12.07
N VAL B 328 25.64 -19.57 -11.89
CA VAL B 328 26.62 -20.64 -12.09
C VAL B 328 27.28 -21.01 -10.77
N ASN B 329 27.69 -20.01 -10.01
CA ASN B 329 28.33 -20.23 -8.71
C ASN B 329 27.70 -19.37 -7.62
C1 MPD C . 5.19 46.34 -1.48
C2 MPD C . 5.30 44.83 -1.34
O2 MPD C . 5.55 44.25 -2.59
CM MPD C . 6.44 44.50 -0.39
C3 MPD C . 4.00 44.28 -0.77
C4 MPD C . 3.07 43.91 -1.89
O4 MPD C . 3.65 42.88 -2.66
C5 MPD C . 1.76 43.42 -1.32
MG MG D . 22.35 -12.25 -14.49
C1 MPD E . 21.49 9.89 -4.71
C2 MPD E . 20.42 9.26 -5.56
O2 MPD E . 19.84 8.18 -4.87
CM MPD E . 19.35 10.28 -5.87
C3 MPD E . 21.02 8.77 -6.87
C4 MPD E . 21.76 7.47 -6.68
O4 MPD E . 21.21 6.73 -5.61
C5 MPD E . 21.64 6.65 -7.96
#